data_5HNT
#
_entry.id   5HNT
#
_cell.length_a   48.757
_cell.length_b   82.156
_cell.length_c   76.074
_cell.angle_alpha   90.000
_cell.angle_beta   102.080
_cell.angle_gamma   90.000
#
_symmetry.space_group_name_H-M   'P 1 21 1'
#
loop_
_entity.id
_entity.type
_entity.pdbx_description
1 polymer 'Aldo-keto reductase family 1 member C3'
2 non-polymer 'NADP NICOTINAMIDE-ADENINE-DINUCLEOTIDE PHOSPHATE'
3 non-polymer '2-phenylethyl (2E)-3-(3,4-dihydroxyphenyl)prop-2-enoate'
4 water water
#
_entity_poly.entity_id   1
_entity_poly.type   'polypeptide(L)'
_entity_poly.pdbx_seq_one_letter_code
;QCVKLNDGHFMPVLGFGTYAPPEVPRSKALEVTKLAIEAGFRHIDSAHLYNNEEQVGLAIRSKIADGSVKREDIFYTSKL
WSTFHRPELVRPALENSLKKAQLDYVDLYLIHSPMSLKPGEELSPTDENGKVIFDIVDLCTTWEAMEKCKDAGLAKSIGV
SNFNRRQLEMILNKPGLKYKPVCNQVECHPYFNRSKLLDFCKSKDIVLVAYSALGSQRDKRWVDPNSPVLLEDPVLCALA
KKHKRTPALIALRYQLQRGVVVLAKSYNEQRIRQNVQVFEFQLTAEDMKAIDGLDRNLHYFNSDSFASHPNYPYS
;
_entity_poly.pdbx_strand_id   A,C
#
# COMPACT_ATOMS: atom_id res chain seq x y z
N GLN A 1 -22.83 8.03 -25.76
CA GLN A 1 -21.94 7.27 -24.87
C GLN A 1 -22.31 7.52 -23.43
N CYS A 2 -23.56 7.21 -23.13
CA CYS A 2 -24.15 7.41 -21.82
C CYS A 2 -24.81 6.14 -21.34
N VAL A 3 -25.07 6.06 -20.04
CA VAL A 3 -25.81 4.97 -19.47
C VAL A 3 -27.04 5.55 -18.81
N LYS A 4 -28.15 4.84 -18.94
CA LYS A 4 -29.42 5.31 -18.33
C LYS A 4 -29.44 5.00 -16.85
N LEU A 5 -29.56 6.03 -15.99
CA LEU A 5 -29.61 5.77 -14.57
C LEU A 5 -31.02 5.31 -14.13
N ASN A 6 -31.13 4.76 -12.93
CA ASN A 6 -32.37 4.23 -12.42
C ASN A 6 -33.40 5.30 -12.07
N ASP A 7 -33.04 6.57 -12.11
CA ASP A 7 -34.01 7.64 -11.96
C ASP A 7 -34.43 8.28 -13.30
N GLY A 8 -34.09 7.67 -14.44
CA GLY A 8 -34.34 8.25 -15.76
C GLY A 8 -33.31 9.23 -16.35
N HIS A 9 -32.38 9.71 -15.54
CA HIS A 9 -31.33 10.62 -16.04
C HIS A 9 -30.26 9.80 -16.76
N PHE A 10 -29.39 10.47 -17.52
CA PHE A 10 -28.29 9.84 -18.30
C PHE A 10 -26.93 10.30 -17.85
N MET A 11 -26.01 9.35 -17.80
CA MET A 11 -24.64 9.60 -17.30
C MET A 11 -23.61 9.18 -18.36
N PRO A 12 -22.78 10.13 -18.79
CA PRO A 12 -21.76 9.78 -19.74
C PRO A 12 -20.80 8.79 -19.11
N VAL A 13 -20.40 7.81 -19.87
CA VAL A 13 -19.65 6.67 -19.33
C VAL A 13 -18.20 6.96 -19.06
N LEU A 14 -17.68 8.06 -19.58
CA LEU A 14 -16.29 8.48 -19.32
C LEU A 14 -16.35 9.77 -18.61
N GLY A 15 -15.71 9.87 -17.46
CA GLY A 15 -15.76 11.07 -16.70
C GLY A 15 -14.37 11.61 -16.39
N PHE A 16 -14.30 12.92 -16.21
CA PHE A 16 -13.02 13.61 -15.93
C PHE A 16 -12.79 13.80 -14.43
N GLY A 17 -11.65 13.31 -13.93
CA GLY A 17 -11.35 13.40 -12.52
C GLY A 17 -10.60 14.71 -12.25
N THR A 18 -11.11 15.49 -11.33
CA THR A 18 -10.56 16.85 -11.09
C THR A 18 -9.68 17.02 -9.87
N TYR A 19 -9.55 15.98 -9.04
CA TYR A 19 -8.73 16.10 -7.83
C TYR A 19 -7.29 16.18 -8.19
N ALA A 20 -6.57 17.18 -7.67
CA ALA A 20 -5.11 17.23 -7.67
C ALA A 20 -4.57 17.64 -6.27
N PRO A 21 -3.38 17.17 -5.89
CA PRO A 21 -2.86 17.44 -4.56
C PRO A 21 -2.61 18.94 -4.33
N PRO A 22 -2.53 19.33 -3.05
CA PRO A 22 -2.47 20.77 -2.71
C PRO A 22 -1.22 21.47 -3.21
N GLU A 23 -0.16 20.76 -3.58
CA GLU A 23 1.02 21.42 -4.14
C GLU A 23 0.77 21.96 -5.54
N VAL A 24 -0.36 21.57 -6.17
CA VAL A 24 -0.74 22.03 -7.48
C VAL A 24 -1.55 23.32 -7.28
N PRO A 25 -1.12 24.45 -7.88
CA PRO A 25 -1.87 25.71 -7.77
C PRO A 25 -3.32 25.56 -8.22
N ARG A 26 -4.24 26.26 -7.54
CA ARG A 26 -5.68 26.04 -7.76
C ARG A 26 -6.13 26.51 -9.14
N SER A 27 -5.42 27.49 -9.69
CA SER A 27 -5.68 27.98 -11.03
C SER A 27 -5.69 26.84 -12.07
N LYS A 28 -4.85 25.83 -11.92
CA LYS A 28 -4.73 24.74 -12.89
C LYS A 28 -6.04 23.98 -13.12
N ALA A 29 -6.82 23.77 -12.07
CA ALA A 29 -8.11 23.10 -12.24
C ALA A 29 -8.99 23.79 -13.27
N LEU A 30 -8.97 25.13 -13.26
CA LEU A 30 -9.70 25.87 -14.28
C LEU A 30 -9.19 25.55 -15.71
N GLU A 31 -7.86 25.56 -15.90
CA GLU A 31 -7.27 25.37 -17.21
C GLU A 31 -7.57 23.98 -17.65
N VAL A 32 -7.29 23.00 -16.78
CA VAL A 32 -7.38 21.60 -17.21
C VAL A 32 -8.82 21.16 -17.44
N THR A 33 -9.76 21.73 -16.69
CA THR A 33 -11.15 21.37 -16.90
C THR A 33 -11.68 21.89 -18.27
N LYS A 34 -11.23 23.10 -18.64
CA LYS A 34 -11.54 23.58 -19.97
C LYS A 34 -10.94 22.64 -20.99
N LEU A 35 -9.68 22.23 -20.78
CA LEU A 35 -9.03 21.32 -21.74
C LEU A 35 -9.80 20.03 -21.88
N ALA A 36 -10.29 19.54 -20.78
CA ALA A 36 -11.01 18.27 -20.78
C ALA A 36 -12.29 18.40 -21.59
N ILE A 37 -13.02 19.48 -21.38
CA ILE A 37 -14.26 19.68 -22.11
C ILE A 37 -13.95 19.82 -23.61
N GLU A 38 -12.94 20.62 -23.91
CA GLU A 38 -12.53 20.83 -25.30
C GLU A 38 -12.15 19.50 -25.94
N ALA A 39 -11.57 18.59 -25.18
CA ALA A 39 -11.19 17.28 -25.69
C ALA A 39 -12.35 16.37 -25.97
N GLY A 40 -13.49 16.60 -25.32
CA GLY A 40 -14.65 15.73 -25.42
C GLY A 40 -15.22 15.20 -24.11
N PHE A 41 -14.59 15.46 -22.98
CA PHE A 41 -15.21 15.05 -21.71
C PHE A 41 -16.49 15.84 -21.49
N ARG A 42 -17.53 15.16 -21.05
CA ARG A 42 -18.83 15.80 -20.71
C ARG A 42 -19.25 15.56 -19.24
N HIS A 43 -18.63 14.56 -18.61
CA HIS A 43 -18.88 14.15 -17.27
C HIS A 43 -17.68 14.62 -16.47
N ILE A 44 -17.95 15.32 -15.39
CA ILE A 44 -16.92 16.02 -14.60
C ILE A 44 -17.15 15.79 -13.11
N ASP A 45 -16.12 15.29 -12.44
CA ASP A 45 -16.23 14.79 -11.06
C ASP A 45 -15.43 15.66 -10.13
N SER A 46 -16.15 16.30 -9.22
CA SER A 46 -15.50 17.12 -8.20
C SER A 46 -16.13 16.77 -6.82
N ALA A 47 -15.83 17.54 -5.80
CA ALA A 47 -16.28 17.30 -4.45
C ALA A 47 -15.93 18.54 -3.62
N HIS A 48 -16.63 18.74 -2.51
CA HIS A 48 -16.19 19.75 -1.54
C HIS A 48 -14.75 19.48 -1.10
N LEU A 49 -14.44 18.22 -0.87
CA LEU A 49 -13.12 17.84 -0.40
C LEU A 49 -12.00 18.41 -1.27
N TYR A 50 -12.25 18.52 -2.58
CA TYR A 50 -11.22 18.83 -3.53
C TYR A 50 -10.79 20.30 -3.52
N ASN A 51 -11.62 21.14 -2.91
CA ASN A 51 -11.36 22.57 -2.82
C ASN A 51 -11.11 23.23 -4.17
N ASN A 52 -11.85 22.77 -5.17
CA ASN A 52 -11.69 23.25 -6.53
C ASN A 52 -13.00 23.54 -7.22
N GLU A 53 -14.11 23.50 -6.51
CA GLU A 53 -15.42 23.63 -7.12
C GLU A 53 -15.59 24.99 -7.85
N GLU A 54 -14.99 26.06 -7.32
CA GLU A 54 -15.08 27.37 -8.02
C GLU A 54 -14.38 27.31 -9.36
N GLN A 55 -13.20 26.70 -9.38
CA GLN A 55 -12.41 26.63 -10.60
C GLN A 55 -13.07 25.69 -11.62
N VAL A 56 -13.57 24.56 -11.15
CA VAL A 56 -14.21 23.61 -12.00
C VAL A 56 -15.48 24.24 -12.57
N GLY A 57 -16.21 24.92 -11.71
CA GLY A 57 -17.44 25.53 -12.17
C GLY A 57 -17.25 26.59 -13.26
N LEU A 58 -16.21 27.37 -13.06
CA LEU A 58 -15.76 28.44 -14.00
C LEU A 58 -15.41 27.90 -15.34
N ALA A 59 -14.80 26.75 -15.31
CA ALA A 59 -14.50 26.02 -16.55
C ALA A 59 -15.76 25.59 -17.28
N ILE A 60 -16.69 24.98 -16.56
CA ILE A 60 -17.95 24.58 -17.15
C ILE A 60 -18.74 25.80 -17.68
N ARG A 61 -18.89 26.83 -16.86
CA ARG A 61 -19.50 28.10 -17.29
C ARG A 61 -18.84 28.70 -18.54
N SER A 62 -17.52 28.64 -18.59
CA SER A 62 -16.81 29.16 -19.74
C SER A 62 -17.19 28.47 -21.05
N LYS A 63 -17.27 27.14 -21.01
CA LYS A 63 -17.47 26.40 -22.21
C LYS A 63 -18.96 26.40 -22.58
N ILE A 64 -19.81 26.66 -21.60
CA ILE A 64 -21.21 26.94 -21.91
C ILE A 64 -21.30 28.33 -22.56
N ALA A 65 -20.66 29.33 -21.96
CA ALA A 65 -20.86 30.69 -22.43
C ALA A 65 -20.33 30.86 -23.85
N ASP A 66 -19.25 30.18 -24.19
CA ASP A 66 -18.61 30.36 -25.49
C ASP A 66 -19.30 29.51 -26.54
N GLY A 67 -20.33 28.76 -26.10
CA GLY A 67 -21.20 28.03 -27.01
C GLY A 67 -20.73 26.64 -27.32
N SER A 68 -19.59 26.20 -26.80
CA SER A 68 -19.11 24.83 -27.09
C SER A 68 -20.08 23.75 -26.63
N VAL A 69 -20.65 23.95 -25.44
CA VAL A 69 -21.56 23.01 -24.87
C VAL A 69 -22.69 23.76 -24.23
N LYS A 70 -23.81 23.07 -24.03
CA LYS A 70 -24.89 23.60 -23.20
C LYS A 70 -24.81 23.01 -21.81
N ARG A 71 -25.44 23.66 -20.83
CA ARG A 71 -25.40 23.12 -19.48
C ARG A 71 -25.96 21.68 -19.45
N GLU A 72 -26.97 21.41 -20.25
CA GLU A 72 -27.60 20.10 -20.25
C GLU A 72 -26.72 19.03 -20.89
N ASP A 73 -25.67 19.43 -21.62
CA ASP A 73 -24.68 18.51 -22.20
C ASP A 73 -23.61 18.09 -21.19
N ILE A 74 -23.59 18.73 -20.02
CA ILE A 74 -22.57 18.53 -19.05
C ILE A 74 -23.23 17.77 -17.88
N PHE A 75 -22.53 16.76 -17.42
CA PHE A 75 -22.88 16.03 -16.23
C PHE A 75 -21.87 16.38 -15.12
N TYR A 76 -22.29 17.14 -14.11
CA TYR A 76 -21.43 17.59 -13.07
C TYR A 76 -21.74 16.97 -11.70
N THR A 77 -20.72 16.33 -11.12
CA THR A 77 -20.84 15.66 -9.86
C THR A 77 -20.12 16.41 -8.75
N SER A 78 -20.83 16.57 -7.62
CA SER A 78 -20.17 16.94 -6.38
C SER A 78 -20.52 15.94 -5.31
N LYS A 79 -19.85 16.09 -4.17
CA LYS A 79 -19.92 15.14 -3.08
C LYS A 79 -20.03 15.85 -1.74
N LEU A 80 -20.87 15.25 -0.89
CA LEU A 80 -21.04 15.62 0.51
C LEU A 80 -19.92 15.06 1.37
N TRP A 81 -19.17 15.92 2.01
CA TRP A 81 -18.05 15.49 2.79
C TRP A 81 -18.53 14.87 4.13
N SER A 82 -17.70 14.02 4.70
CA SER A 82 -18.04 13.17 5.82
C SER A 82 -18.30 13.92 7.15
N THR A 83 -17.85 15.16 7.27
CA THR A 83 -18.19 16.01 8.40
C THR A 83 -19.63 16.58 8.32
N PHE A 84 -20.40 16.25 7.26
CA PHE A 84 -21.71 16.84 6.99
C PHE A 84 -22.78 15.77 6.81
N HIS A 85 -22.52 14.56 7.32
CA HIS A 85 -23.52 13.50 7.31
C HIS A 85 -24.81 13.73 8.14
N ARG A 86 -24.73 14.55 9.18
CA ARG A 86 -25.92 14.75 10.04
C ARG A 86 -26.95 15.43 9.15
N PRO A 87 -28.20 14.97 9.14
CA PRO A 87 -29.15 15.28 8.08
C PRO A 87 -29.42 16.78 7.91
N GLU A 88 -29.37 17.52 9.00
CA GLU A 88 -29.65 18.95 8.96
C GLU A 88 -28.47 19.66 8.27
N LEU A 89 -27.35 18.97 8.15
CA LEU A 89 -26.20 19.58 7.54
C LEU A 89 -26.10 19.33 6.00
N VAL A 90 -26.95 18.47 5.47
CA VAL A 90 -26.80 17.94 4.09
C VAL A 90 -27.16 18.98 3.00
N ARG A 91 -28.38 19.51 3.05
CA ARG A 91 -28.77 20.55 2.12
C ARG A 91 -27.86 21.80 2.16
N PRO A 92 -27.48 22.31 3.33
CA PRO A 92 -26.62 23.49 3.28
C PRO A 92 -25.22 23.22 2.72
N ALA A 93 -24.71 21.98 2.87
CA ALA A 93 -23.44 21.66 2.28
C ALA A 93 -23.57 21.65 0.73
N LEU A 94 -24.70 21.17 0.23
CA LEU A 94 -24.92 21.14 -1.20
C LEU A 94 -25.07 22.58 -1.71
N GLU A 95 -25.90 23.36 -1.03
CA GLU A 95 -26.05 24.79 -1.37
C GLU A 95 -24.71 25.50 -1.31
N ASN A 96 -23.87 25.20 -0.34
CA ASN A 96 -22.51 25.82 -0.36
C ASN A 96 -21.62 25.41 -1.60
N SER A 97 -21.66 24.13 -1.95
CA SER A 97 -21.03 23.65 -3.18
C SER A 97 -21.55 24.38 -4.43
N LEU A 98 -22.87 24.47 -4.58
CA LEU A 98 -23.46 25.14 -5.71
C LEU A 98 -23.03 26.62 -5.82
N LYS A 99 -23.02 27.32 -4.69
CA LYS A 99 -22.57 28.70 -4.67
C LYS A 99 -21.11 28.82 -5.05
N LYS A 100 -20.28 27.90 -4.56
CA LYS A 100 -18.88 27.94 -4.98
C LYS A 100 -18.70 27.74 -6.48
N ALA A 101 -19.38 26.74 -7.03
CA ALA A 101 -19.26 26.39 -8.45
C ALA A 101 -19.94 27.43 -9.29
N GLN A 102 -20.76 28.25 -8.63
CA GLN A 102 -21.69 29.15 -9.27
C GLN A 102 -22.47 28.32 -10.26
N LEU A 103 -23.03 27.20 -9.82
CA LEU A 103 -23.99 26.44 -10.62
C LEU A 103 -25.29 26.42 -9.88
N ASP A 104 -26.40 26.16 -10.59
CA ASP A 104 -27.72 26.11 -9.99
C ASP A 104 -28.08 24.71 -9.51
N TYR A 105 -27.58 23.70 -10.21
CA TYR A 105 -27.80 22.31 -9.77
C TYR A 105 -26.57 21.48 -10.07
N VAL A 106 -26.44 20.35 -9.40
CA VAL A 106 -25.49 19.34 -9.77
C VAL A 106 -26.24 18.24 -10.49
N ASP A 107 -25.60 17.59 -11.44
CA ASP A 107 -26.21 16.41 -12.03
C ASP A 107 -26.23 15.22 -11.05
N LEU A 108 -25.23 15.20 -10.15
CA LEU A 108 -25.07 14.13 -9.22
C LEU A 108 -24.44 14.59 -7.90
N TYR A 109 -25.13 14.27 -6.81
CA TYR A 109 -24.61 14.48 -5.46
C TYR A 109 -24.40 13.13 -4.77
N LEU A 110 -23.20 12.92 -4.26
CA LEU A 110 -22.85 11.65 -3.69
C LEU A 110 -22.57 11.84 -2.22
N ILE A 111 -22.95 10.86 -1.42
CA ILE A 111 -22.30 10.71 -0.11
C ILE A 111 -20.88 10.23 -0.42
N HIS A 112 -19.88 11.00 -0.02
CA HIS A 112 -18.50 10.77 -0.41
C HIS A 112 -17.93 9.50 0.17
N SER A 113 -18.33 9.19 1.40
CA SER A 113 -17.80 8.07 2.13
C SER A 113 -18.79 7.73 3.21
N PRO A 114 -18.91 6.44 3.58
CA PRO A 114 -19.78 6.08 4.70
C PRO A 114 -19.11 6.35 6.05
N MET A 115 -17.87 6.81 6.04
CA MET A 115 -17.09 7.03 7.23
C MET A 115 -17.25 8.42 7.86
N SER A 116 -18.32 8.55 8.67
CA SER A 116 -18.70 9.82 9.23
C SER A 116 -17.63 10.36 10.13
N LEU A 117 -17.46 11.67 10.07
CA LEU A 117 -16.48 12.42 10.83
C LEU A 117 -17.15 13.54 11.64
N LYS A 118 -16.52 13.92 12.74
CA LYS A 118 -17.04 14.96 13.64
C LYS A 118 -17.43 16.24 12.89
N PRO A 119 -18.64 16.78 13.12
CA PRO A 119 -19.09 18.02 12.44
C PRO A 119 -18.25 19.24 12.79
N GLY A 120 -18.13 20.18 11.85
CA GLY A 120 -17.29 21.35 12.05
C GLY A 120 -16.69 21.90 10.80
N GLU A 121 -15.72 22.79 11.03
CA GLU A 121 -15.01 23.55 10.00
C GLU A 121 -13.99 22.69 9.28
N GLU A 122 -13.27 21.89 10.05
CA GLU A 122 -12.15 21.18 9.49
C GLU A 122 -12.65 19.95 8.71
N LEU A 123 -12.03 19.73 7.56
CA LEU A 123 -12.34 18.58 6.72
C LEU A 123 -11.89 17.32 7.43
N SER A 124 -10.75 17.42 8.11
CA SER A 124 -10.12 16.33 8.79
C SER A 124 -9.90 16.68 10.28
N PRO A 125 -11.00 16.64 11.10
CA PRO A 125 -10.88 17.08 12.48
C PRO A 125 -10.11 16.07 13.30
N THR A 126 -9.25 16.56 14.18
CA THR A 126 -8.37 15.69 14.94
C THR A 126 -8.32 16.08 16.40
N ASP A 127 -7.84 15.19 17.24
CA ASP A 127 -7.84 15.46 18.67
C ASP A 127 -6.43 15.77 19.18
N GLU A 128 -6.33 15.92 20.49
CA GLU A 128 -5.10 16.26 21.18
C GLU A 128 -3.90 15.45 20.71
N ASN A 129 -4.11 14.16 20.42
CA ASN A 129 -3.03 13.27 20.03
C ASN A 129 -2.84 13.27 18.55
N GLY A 130 -3.62 14.10 17.85
CA GLY A 130 -3.56 14.25 16.40
C GLY A 130 -4.31 13.17 15.61
N LYS A 131 -5.21 12.46 16.29
CA LYS A 131 -6.00 11.42 15.64
C LYS A 131 -7.33 12.01 15.13
N VAL A 132 -7.76 11.53 13.97
CA VAL A 132 -9.05 11.90 13.38
C VAL A 132 -10.22 11.50 14.30
N ILE A 133 -11.18 12.39 14.45
CA ILE A 133 -12.33 12.14 15.28
C ILE A 133 -13.57 11.65 14.47
N PHE A 134 -13.97 10.42 14.71
CA PHE A 134 -15.12 9.86 14.01
C PHE A 134 -16.41 10.44 14.55
N ASP A 135 -17.50 10.25 13.80
CA ASP A 135 -18.83 10.59 14.31
C ASP A 135 -19.67 9.40 14.02
N ILE A 136 -20.81 9.32 14.69
CA ILE A 136 -21.72 8.23 14.44
C ILE A 136 -23.03 8.80 13.90
N VAL A 137 -23.39 8.43 12.67
CA VAL A 137 -24.61 8.84 12.05
C VAL A 137 -25.34 7.68 11.39
N ASP A 138 -26.66 7.62 11.54
CA ASP A 138 -27.48 6.68 10.77
C ASP A 138 -27.54 7.16 9.31
N LEU A 139 -26.89 6.41 8.41
CA LEU A 139 -26.72 6.93 7.05
C LEU A 139 -28.04 6.90 6.29
N CYS A 140 -29.03 6.19 6.83
CA CYS A 140 -30.37 6.26 6.27
C CYS A 140 -30.96 7.63 6.40
N THR A 141 -30.63 8.35 7.48
CA THR A 141 -31.15 9.69 7.67
C THR A 141 -30.39 10.64 6.78
N THR A 142 -29.08 10.39 6.60
CA THR A 142 -28.33 11.14 5.62
C THR A 142 -28.97 10.97 4.26
N TRP A 143 -29.32 9.74 3.89
CA TRP A 143 -29.93 9.47 2.61
C TRP A 143 -31.28 10.14 2.39
N GLU A 144 -32.07 10.19 3.45
CA GLU A 144 -33.33 10.94 3.41
C GLU A 144 -33.14 12.40 3.10
N ALA A 145 -32.11 13.01 3.68
CA ALA A 145 -31.81 14.40 3.42
C ALA A 145 -31.30 14.55 1.96
N MET A 146 -30.65 13.51 1.44
CA MET A 146 -30.23 13.53 0.02
C MET A 146 -31.44 13.47 -0.88
N GLU A 147 -32.39 12.62 -0.53
CA GLU A 147 -33.63 12.51 -1.28
C GLU A 147 -34.32 13.86 -1.38
N LYS A 148 -34.34 14.60 -0.28
CA LYS A 148 -34.91 15.93 -0.27
C LYS A 148 -34.15 16.95 -1.14
N CYS A 149 -32.83 16.85 -1.20
CA CYS A 149 -32.03 17.65 -2.12
C CYS A 149 -32.42 17.38 -3.59
N LYS A 150 -32.69 16.13 -3.93
CA LYS A 150 -33.17 15.79 -5.25
C LYS A 150 -34.58 16.35 -5.52
N ASP A 151 -35.52 16.24 -4.54
CA ASP A 151 -36.91 16.76 -4.73
C ASP A 151 -36.89 18.29 -4.80
N ALA A 152 -35.91 18.91 -4.15
CA ALA A 152 -35.72 20.33 -4.23
C ALA A 152 -35.04 20.79 -5.54
N GLY A 153 -34.68 19.87 -6.44
CA GLY A 153 -34.08 20.21 -7.72
C GLY A 153 -32.66 20.75 -7.64
N LEU A 154 -32.00 20.51 -6.52
CA LEU A 154 -30.62 20.92 -6.34
C LEU A 154 -29.64 19.87 -6.86
N ALA A 155 -30.10 18.63 -6.96
CA ALA A 155 -29.32 17.53 -7.52
C ALA A 155 -30.24 16.73 -8.39
N LYS A 156 -29.85 16.57 -9.65
CA LYS A 156 -30.65 15.78 -10.56
C LYS A 156 -30.73 14.34 -10.13
N SER A 157 -29.58 13.78 -9.72
CA SER A 157 -29.51 12.43 -9.24
C SER A 157 -28.72 12.40 -7.93
N ILE A 158 -28.92 11.33 -7.16
CA ILE A 158 -28.16 11.15 -5.97
C ILE A 158 -27.58 9.75 -5.94
N GLY A 159 -26.43 9.63 -5.32
CA GLY A 159 -25.88 8.28 -5.13
C GLY A 159 -24.87 8.25 -4.02
N VAL A 160 -24.08 7.17 -4.00
CA VAL A 160 -23.11 6.98 -2.93
C VAL A 160 -21.72 6.72 -3.44
N SER A 161 -20.76 6.80 -2.53
CA SER A 161 -19.40 6.49 -2.86
C SER A 161 -18.74 5.74 -1.73
N ASN A 162 -17.88 4.78 -2.07
CA ASN A 162 -17.13 3.99 -1.06
C ASN A 162 -17.99 3.14 -0.15
N PHE A 163 -19.19 2.80 -0.59
CA PHE A 163 -20.06 1.86 0.11
C PHE A 163 -19.75 0.43 -0.31
N ASN A 164 -19.84 -0.47 0.66
CA ASN A 164 -19.83 -1.90 0.37
C ASN A 164 -21.27 -2.41 0.18
N ARG A 165 -21.41 -3.67 -0.19
CA ARG A 165 -22.71 -4.27 -0.41
C ARG A 165 -23.69 -4.14 0.81
N ARG A 166 -23.18 -4.42 1.99
CA ARG A 166 -23.98 -4.31 3.23
C ARG A 166 -24.53 -2.89 3.39
N GLN A 167 -23.67 -1.90 3.17
CA GLN A 167 -24.05 -0.49 3.25
C GLN A 167 -25.07 -0.08 2.20
N LEU A 168 -24.94 -0.62 0.99
CA LEU A 168 -25.91 -0.40 -0.07
C LEU A 168 -27.27 -1.03 0.29
N GLU A 169 -27.25 -2.25 0.78
CA GLU A 169 -28.51 -2.93 1.19
C GLU A 169 -29.25 -2.18 2.28
N MET A 170 -28.50 -1.62 3.22
CA MET A 170 -29.09 -0.78 4.21
C MET A 170 -30.01 0.29 3.58
N ILE A 171 -29.53 0.93 2.52
CA ILE A 171 -30.28 2.01 1.90
C ILE A 171 -31.43 1.36 1.13
N LEU A 172 -31.12 0.32 0.37
CA LEU A 172 -32.10 -0.34 -0.47
C LEU A 172 -33.31 -0.87 0.32
N ASN A 173 -33.06 -1.35 1.54
CA ASN A 173 -34.08 -1.88 2.40
C ASN A 173 -34.67 -0.88 3.38
N LYS A 174 -34.27 0.39 3.30
CA LYS A 174 -34.78 1.39 4.21
C LYS A 174 -36.30 1.50 4.03
N PRO A 175 -37.07 1.45 5.12
CA PRO A 175 -38.51 1.72 5.03
C PRO A 175 -38.78 3.12 4.47
N GLY A 176 -39.71 3.22 3.53
CA GLY A 176 -40.11 4.50 2.95
C GLY A 176 -39.12 5.04 1.92
N LEU A 177 -38.18 4.21 1.48
CA LEU A 177 -37.20 4.63 0.46
C LEU A 177 -37.89 5.33 -0.71
N LYS A 178 -37.43 6.52 -1.07
CA LYS A 178 -37.99 7.23 -2.23
C LYS A 178 -37.15 7.03 -3.48
N TYR A 179 -35.83 7.19 -3.33
CA TYR A 179 -34.91 7.01 -4.49
C TYR A 179 -33.75 6.07 -4.14
N LYS A 180 -33.56 5.05 -4.96
CA LYS A 180 -32.38 4.24 -4.88
C LYS A 180 -31.18 5.13 -5.22
N PRO A 181 -29.99 4.75 -4.72
CA PRO A 181 -28.76 5.35 -5.25
C PRO A 181 -28.63 5.04 -6.73
N VAL A 182 -28.30 6.02 -7.56
CA VAL A 182 -28.06 5.78 -8.97
C VAL A 182 -26.71 5.08 -9.19
N CYS A 183 -25.80 5.25 -8.27
CA CYS A 183 -24.44 4.73 -8.46
C CYS A 183 -23.78 4.52 -7.15
N ASN A 184 -22.67 3.79 -7.23
CA ASN A 184 -21.71 3.67 -6.17
C ASN A 184 -20.32 3.87 -6.77
N GLN A 185 -19.69 5.01 -6.41
CA GLN A 185 -18.38 5.37 -6.91
C GLN A 185 -17.34 4.78 -5.99
N VAL A 186 -16.59 3.79 -6.50
CA VAL A 186 -15.68 2.98 -5.70
C VAL A 186 -14.32 2.83 -6.43
N GLU A 187 -13.28 2.47 -5.67
CA GLU A 187 -11.98 2.21 -6.25
C GLU A 187 -12.14 0.95 -7.09
N CYS A 188 -11.71 1.03 -8.33
CA CYS A 188 -11.95 -0.06 -9.26
C CYS A 188 -10.99 0.03 -10.43
N HIS A 189 -10.27 -1.05 -10.65
CA HIS A 189 -9.20 -1.12 -11.60
C HIS A 189 -8.79 -2.60 -11.73
N PRO A 190 -7.93 -2.92 -12.69
CA PRO A 190 -7.62 -4.35 -12.87
C PRO A 190 -6.94 -5.09 -11.68
N TYR A 191 -6.34 -4.34 -10.73
CA TYR A 191 -5.86 -4.97 -9.50
C TYR A 191 -6.93 -5.11 -8.37
N PHE A 192 -8.14 -4.59 -8.63
CA PHE A 192 -9.19 -4.55 -7.63
C PHE A 192 -10.46 -4.28 -8.46
N ASN A 193 -10.88 -5.30 -9.19
CA ASN A 193 -11.86 -5.12 -10.20
C ASN A 193 -13.27 -5.16 -9.70
N ARG A 194 -13.43 -5.48 -8.42
CA ARG A 194 -14.72 -5.45 -7.76
C ARG A 194 -15.80 -6.30 -8.46
N SER A 195 -15.46 -7.45 -9.06
CA SER A 195 -16.49 -8.19 -9.90
C SER A 195 -17.75 -8.56 -9.10
N LYS A 196 -17.58 -8.96 -7.85
CA LYS A 196 -18.72 -9.30 -7.01
C LYS A 196 -19.63 -8.13 -6.72
N LEU A 197 -19.02 -7.02 -6.31
CA LEU A 197 -19.77 -5.78 -6.05
C LEU A 197 -20.49 -5.30 -7.29
N LEU A 198 -19.80 -5.40 -8.43
CA LEU A 198 -20.34 -5.04 -9.73
C LEU A 198 -21.57 -5.89 -10.09
N ASP A 199 -21.46 -7.21 -9.99
CA ASP A 199 -22.64 -8.05 -10.15
C ASP A 199 -23.78 -7.64 -9.23
N PHE A 200 -23.49 -7.35 -7.98
CA PHE A 200 -24.55 -6.91 -7.10
C PHE A 200 -25.18 -5.61 -7.61
N CYS A 201 -24.35 -4.62 -7.95
CA CYS A 201 -24.83 -3.32 -8.38
C CYS A 201 -25.70 -3.44 -9.63
N LYS A 202 -25.26 -4.27 -10.58
CA LYS A 202 -25.99 -4.54 -11.76
C LYS A 202 -27.35 -5.16 -11.40
N SER A 203 -27.37 -6.13 -10.49
CA SER A 203 -28.67 -6.77 -10.12
C SER A 203 -29.65 -5.79 -9.55
N LYS A 204 -29.15 -4.68 -9.00
CA LYS A 204 -30.00 -3.63 -8.46
C LYS A 204 -30.15 -2.39 -9.34
N ASP A 205 -29.66 -2.44 -10.58
CA ASP A 205 -29.66 -1.27 -11.46
C ASP A 205 -28.90 -0.05 -10.88
N ILE A 206 -27.81 -0.34 -10.18
CA ILE A 206 -26.98 0.71 -9.63
C ILE A 206 -25.70 0.68 -10.46
N VAL A 207 -25.29 1.81 -10.98
CA VAL A 207 -24.07 1.91 -11.79
C VAL A 207 -22.82 1.97 -10.89
N LEU A 208 -21.84 1.14 -11.20
CA LEU A 208 -20.57 1.22 -10.50
C LEU A 208 -19.73 2.22 -11.24
N VAL A 209 -19.26 3.25 -10.54
CA VAL A 209 -18.37 4.27 -11.13
C VAL A 209 -16.96 4.05 -10.54
N ALA A 210 -15.97 3.87 -11.40
CA ALA A 210 -14.63 3.50 -11.00
C ALA A 210 -13.74 4.72 -10.81
N TYR A 211 -13.16 4.86 -9.65
CA TYR A 211 -12.07 5.78 -9.43
C TYR A 211 -10.74 5.05 -9.20
N SER A 212 -9.64 5.80 -9.34
CA SER A 212 -8.27 5.23 -9.44
C SER A 212 -8.22 4.10 -10.52
N ALA A 213 -9.00 4.28 -11.59
CA ALA A 213 -9.04 3.33 -12.72
C ALA A 213 -7.72 3.24 -13.43
N LEU A 214 -6.90 4.27 -13.26
CA LEU A 214 -5.58 4.26 -13.78
C LEU A 214 -4.49 3.95 -12.70
N GLY A 215 -4.91 3.52 -11.52
CA GLY A 215 -3.97 3.05 -10.49
C GLY A 215 -3.71 4.09 -9.42
N SER A 216 -4.48 5.17 -9.45
CA SER A 216 -4.42 6.26 -8.48
C SER A 216 -3.27 7.21 -8.72
N GLN A 217 -3.29 8.32 -8.01
CA GLN A 217 -2.16 9.26 -8.07
C GLN A 217 -1.04 8.86 -7.13
N ARG A 218 -1.22 7.73 -6.43
CA ARG A 218 -0.21 7.15 -5.56
C ARG A 218 0.24 8.19 -4.51
N ASP A 219 -0.72 8.93 -3.97
CA ASP A 219 -0.43 9.95 -2.93
C ASP A 219 0.18 9.26 -1.69
N LYS A 220 1.33 9.74 -1.24
CA LYS A 220 2.00 9.24 -0.08
C LYS A 220 1.11 9.18 1.17
N ARG A 221 0.18 10.07 1.31
CA ARG A 221 -0.69 10.01 2.45
C ARG A 221 -1.48 8.73 2.52
N TRP A 222 -1.83 8.12 1.38
CA TRP A 222 -2.76 6.94 1.39
C TRP A 222 -2.24 5.68 0.71
N VAL A 223 -1.21 5.80 -0.08
CA VAL A 223 -0.86 4.72 -0.98
C VAL A 223 0.56 4.30 -0.70
N ASP A 224 0.79 3.02 -0.50
CA ASP A 224 2.18 2.59 -0.33
C ASP A 224 2.98 2.80 -1.65
N PRO A 225 4.15 3.48 -1.60
CA PRO A 225 4.97 3.73 -2.80
C PRO A 225 5.57 2.54 -3.50
N ASN A 226 5.68 1.41 -2.80
CA ASN A 226 6.15 0.19 -3.39
C ASN A 226 5.05 -0.76 -3.76
N SER A 227 3.81 -0.32 -3.71
CA SER A 227 2.74 -1.10 -4.34
C SER A 227 3.02 -1.13 -5.85
N PRO A 228 2.58 -2.17 -6.57
CA PRO A 228 2.81 -2.23 -8.00
C PRO A 228 2.14 -1.07 -8.73
N VAL A 229 2.78 -0.59 -9.81
CA VAL A 229 2.29 0.58 -10.55
C VAL A 229 1.41 -0.06 -11.60
N LEU A 230 0.13 0.18 -11.53
CA LEU A 230 -0.83 -0.44 -12.46
C LEU A 230 -0.45 -0.29 -13.93
N LEU A 231 -0.11 0.92 -14.36
CA LEU A 231 0.12 1.15 -15.78
C LEU A 231 1.40 0.47 -16.28
N GLU A 232 2.23 -0.04 -15.36
CA GLU A 232 3.42 -0.77 -15.77
C GLU A 232 3.12 -2.25 -15.93
N ASP A 233 1.87 -2.66 -15.73
CA ASP A 233 1.57 -4.08 -15.80
C ASP A 233 1.92 -4.64 -17.18
N PRO A 234 2.66 -5.76 -17.20
CA PRO A 234 3.06 -6.32 -18.49
C PRO A 234 1.85 -6.71 -19.32
N VAL A 235 0.77 -7.17 -18.71
CA VAL A 235 -0.40 -7.60 -19.52
C VAL A 235 -1.04 -6.35 -20.15
N LEU A 236 -1.13 -5.28 -19.37
CA LEU A 236 -1.67 -4.01 -19.86
C LEU A 236 -0.81 -3.48 -20.98
N CYS A 237 0.51 -3.54 -20.79
CA CYS A 237 1.42 -3.10 -21.82
C CYS A 237 1.32 -3.96 -23.10
N ALA A 238 1.15 -5.27 -22.97
CA ALA A 238 1.09 -6.11 -24.16
C ALA A 238 -0.16 -5.82 -24.95
N LEU A 239 -1.32 -5.67 -24.27
CA LEU A 239 -2.56 -5.30 -24.94
C LEU A 239 -2.48 -3.91 -25.59
N ALA A 240 -1.77 -2.99 -24.97
CA ALA A 240 -1.55 -1.65 -25.55
C ALA A 240 -0.81 -1.80 -26.92
N LYS A 241 0.22 -2.62 -26.95
CA LYS A 241 1.01 -2.87 -28.17
C LYS A 241 0.12 -3.51 -29.21
N LYS A 242 -0.58 -4.58 -28.81
CA LYS A 242 -1.50 -5.28 -29.69
C LYS A 242 -2.49 -4.30 -30.35
N HIS A 243 -3.10 -3.43 -29.56
CA HIS A 243 -4.09 -2.53 -30.11
C HIS A 243 -3.54 -1.20 -30.63
N LYS A 244 -2.24 -0.99 -30.50
CA LYS A 244 -1.66 0.29 -30.81
C LYS A 244 -2.27 1.41 -29.96
N ARG A 245 -2.47 1.15 -28.69
CA ARG A 245 -2.97 2.17 -27.78
C ARG A 245 -1.96 2.35 -26.67
N THR A 246 -2.42 2.66 -25.48
CA THR A 246 -1.56 2.85 -24.34
C THR A 246 -2.18 2.06 -23.17
N PRO A 247 -1.39 1.81 -22.12
CA PRO A 247 -1.91 1.05 -20.99
C PRO A 247 -3.06 1.73 -20.30
N ALA A 248 -3.00 3.06 -20.19
CA ALA A 248 -4.11 3.81 -19.67
C ALA A 248 -5.38 3.55 -20.49
N LEU A 249 -5.26 3.58 -21.80
CA LEU A 249 -6.47 3.37 -22.67
C LEU A 249 -7.05 1.97 -22.54
N ILE A 250 -6.16 0.99 -22.35
CA ILE A 250 -6.60 -0.38 -22.06
C ILE A 250 -7.42 -0.45 -20.75
N ALA A 251 -6.89 0.15 -19.70
CA ALA A 251 -7.52 0.11 -18.39
C ALA A 251 -8.85 0.80 -18.42
N LEU A 252 -8.91 1.94 -19.14
CA LEU A 252 -10.18 2.61 -19.30
C LEU A 252 -11.17 1.77 -20.10
N ARG A 253 -10.72 1.23 -21.19
CA ARG A 253 -11.61 0.48 -22.07
C ARG A 253 -12.23 -0.74 -21.41
N TYR A 254 -11.42 -1.40 -20.61
CA TYR A 254 -11.82 -2.53 -19.83
C TYR A 254 -13.08 -2.25 -19.03
N GLN A 255 -13.09 -1.11 -18.38
CA GLN A 255 -14.16 -0.76 -17.54
C GLN A 255 -15.38 -0.56 -18.37
N LEU A 256 -15.25 0.17 -19.45
CA LEU A 256 -16.43 0.45 -20.28
C LEU A 256 -17.12 -0.83 -20.78
N GLN A 257 -16.33 -1.86 -21.10
CA GLN A 257 -16.91 -3.03 -21.69
C GLN A 257 -17.46 -3.96 -20.63
N ARG A 258 -17.25 -3.67 -19.34
CA ARG A 258 -17.92 -4.49 -18.31
C ARG A 258 -19.13 -3.80 -17.69
N GLY A 259 -19.58 -2.71 -18.30
CA GLY A 259 -20.68 -1.94 -17.79
C GLY A 259 -20.34 -0.89 -16.75
N VAL A 260 -19.08 -0.61 -16.53
CA VAL A 260 -18.64 0.35 -15.49
C VAL A 260 -18.48 1.73 -16.10
N VAL A 261 -18.88 2.75 -15.38
CA VAL A 261 -18.60 4.14 -15.79
C VAL A 261 -17.23 4.46 -15.21
N VAL A 262 -16.34 5.04 -16.01
CA VAL A 262 -14.94 5.22 -15.61
C VAL A 262 -14.47 6.68 -15.57
N LEU A 263 -13.84 7.02 -14.47
CA LEU A 263 -13.21 8.34 -14.28
C LEU A 263 -11.74 8.24 -14.71
N ALA A 264 -11.17 9.37 -15.15
CA ALA A 264 -9.75 9.44 -15.43
C ALA A 264 -9.32 10.83 -15.08
N LYS A 265 -8.41 10.99 -14.12
CA LYS A 265 -7.82 12.30 -13.88
C LYS A 265 -6.57 12.44 -14.70
N SER A 266 -6.40 13.60 -15.33
CA SER A 266 -5.12 14.09 -15.84
C SER A 266 -5.08 15.60 -15.82
N TYR A 267 -3.93 16.15 -15.39
CA TYR A 267 -3.72 17.58 -15.47
C TYR A 267 -2.74 17.88 -16.60
N ASN A 268 -2.57 16.95 -17.51
CA ASN A 268 -1.65 17.13 -18.65
C ASN A 268 -2.47 17.14 -19.92
N GLU A 269 -2.31 18.18 -20.74
CA GLU A 269 -3.14 18.34 -21.91
C GLU A 269 -3.14 17.14 -22.86
N GLN A 270 -1.98 16.54 -23.06
CA GLN A 270 -1.86 15.45 -24.02
C GLN A 270 -2.47 14.13 -23.51
N ARG A 271 -2.36 13.89 -22.21
CA ARG A 271 -2.99 12.73 -21.62
C ARG A 271 -4.49 12.94 -21.58
N ILE A 272 -4.93 14.15 -21.25
CA ILE A 272 -6.35 14.41 -21.29
C ILE A 272 -6.94 14.02 -22.68
N ARG A 273 -6.29 14.50 -23.77
CA ARG A 273 -6.77 14.29 -25.10
C ARG A 273 -6.59 12.87 -25.53
N GLN A 274 -5.57 12.19 -25.02
CA GLN A 274 -5.46 10.74 -25.25
C GLN A 274 -6.61 9.91 -24.70
N ASN A 275 -7.06 10.25 -23.50
CA ASN A 275 -8.03 9.44 -22.77
C ASN A 275 -9.38 9.38 -23.43
N VAL A 276 -9.76 10.44 -24.13
CA VAL A 276 -11.03 10.41 -24.86
C VAL A 276 -11.00 9.49 -26.08
N GLN A 277 -9.83 9.02 -26.47
CA GLN A 277 -9.70 8.03 -27.54
C GLN A 277 -10.23 6.66 -27.16
N VAL A 278 -10.67 6.52 -25.91
CA VAL A 278 -11.15 5.28 -25.41
C VAL A 278 -12.31 4.67 -26.23
N PHE A 279 -13.05 5.51 -26.87
CA PHE A 279 -14.13 5.06 -27.70
C PHE A 279 -13.73 4.61 -29.10
N GLU A 280 -12.44 4.69 -29.44
CA GLU A 280 -12.01 4.38 -30.82
C GLU A 280 -11.75 2.91 -31.10
N PHE A 281 -11.66 2.08 -30.06
CA PHE A 281 -11.29 0.69 -30.26
C PHE A 281 -12.06 -0.18 -29.31
N GLN A 282 -11.96 -1.48 -29.51
CA GLN A 282 -12.54 -2.39 -28.57
C GLN A 282 -11.65 -3.58 -28.29
N LEU A 283 -11.71 -4.01 -27.03
CA LEU A 283 -10.98 -5.19 -26.54
C LEU A 283 -11.82 -6.42 -26.87
N THR A 284 -11.16 -7.51 -27.22
CA THR A 284 -11.85 -8.79 -27.47
C THR A 284 -12.30 -9.41 -26.11
N ALA A 285 -13.18 -10.43 -26.17
CA ALA A 285 -13.53 -11.21 -24.95
C ALA A 285 -12.27 -11.79 -24.29
N GLU A 286 -11.30 -12.31 -25.08
CA GLU A 286 -10.08 -12.86 -24.47
C GLU A 286 -9.21 -11.79 -23.83
N ASP A 287 -9.11 -10.65 -24.48
CA ASP A 287 -8.44 -9.49 -23.85
C ASP A 287 -9.08 -9.18 -22.49
N MET A 288 -10.41 -9.19 -22.43
CA MET A 288 -11.12 -8.89 -21.20
C MET A 288 -10.79 -9.96 -20.12
N LYS A 289 -10.82 -11.24 -20.47
CA LYS A 289 -10.46 -12.29 -19.53
C LYS A 289 -9.04 -12.09 -19.04
N ALA A 290 -8.10 -11.80 -19.91
CA ALA A 290 -6.71 -11.55 -19.46
C ALA A 290 -6.67 -10.43 -18.45
N ILE A 291 -7.43 -9.34 -18.67
CA ILE A 291 -7.43 -8.26 -17.70
C ILE A 291 -8.11 -8.71 -16.37
N ASP A 292 -9.20 -9.48 -16.47
CA ASP A 292 -9.89 -10.01 -15.30
C ASP A 292 -8.89 -10.78 -14.45
N GLY A 293 -7.97 -11.46 -15.11
CA GLY A 293 -7.00 -12.29 -14.44
C GLY A 293 -5.98 -11.51 -13.63
N LEU A 294 -5.93 -10.19 -13.79
CA LEU A 294 -4.99 -9.34 -13.01
C LEU A 294 -5.48 -9.04 -11.58
N ASP A 295 -6.76 -9.30 -11.30
CA ASP A 295 -7.34 -9.03 -9.98
C ASP A 295 -6.44 -9.53 -8.87
N ARG A 296 -6.14 -8.67 -7.92
CA ARG A 296 -5.49 -9.20 -6.72
C ARG A 296 -5.91 -8.55 -5.41
N ASN A 297 -7.19 -8.15 -5.29
CA ASN A 297 -7.68 -7.58 -4.04
C ASN A 297 -6.75 -6.49 -3.51
N LEU A 298 -6.30 -5.59 -4.38
CA LEU A 298 -5.39 -4.53 -3.96
C LEU A 298 -6.06 -3.18 -4.05
N HIS A 299 -6.42 -2.64 -2.91
CA HIS A 299 -6.87 -1.26 -2.86
C HIS A 299 -5.70 -0.37 -2.52
N TYR A 300 -5.42 0.55 -3.42
CA TYR A 300 -4.33 1.49 -3.25
C TYR A 300 -4.48 2.39 -2.02
N PHE A 301 -5.71 2.83 -1.76
CA PHE A 301 -5.97 3.70 -0.61
C PHE A 301 -5.92 2.87 0.68
N ASN A 302 -5.06 3.29 1.61
CA ASN A 302 -5.04 2.69 2.95
C ASN A 302 -4.90 3.70 4.05
N SER A 303 -5.52 3.39 5.19
CA SER A 303 -5.44 4.19 6.39
C SER A 303 -5.58 3.31 7.63
N ASP A 304 -4.50 3.22 8.41
CA ASP A 304 -4.55 2.58 9.73
C ASP A 304 -5.66 3.18 10.60
N SER A 305 -5.79 4.50 10.59
CA SER A 305 -6.78 5.14 11.44
C SER A 305 -8.19 4.85 10.92
N PHE A 306 -8.42 4.99 9.61
CA PHE A 306 -9.76 4.74 9.10
C PHE A 306 -10.10 3.25 9.01
N ALA A 307 -9.12 2.35 9.05
CA ALA A 307 -9.47 0.91 9.04
C ALA A 307 -10.27 0.55 10.31
N SER A 308 -10.08 1.31 11.39
CA SER A 308 -10.82 1.07 12.64
C SER A 308 -12.22 1.76 12.67
N HIS A 309 -12.58 2.51 11.63
CA HIS A 309 -13.89 3.14 11.59
C HIS A 309 -14.97 2.06 11.42
N PRO A 310 -16.05 2.10 12.21
CA PRO A 310 -17.08 1.07 12.11
C PRO A 310 -17.64 0.92 10.74
N ASN A 311 -17.56 1.98 9.93
CA ASN A 311 -18.10 2.05 8.60
C ASN A 311 -17.04 1.89 7.52
N TYR A 312 -15.82 1.46 7.93
CA TYR A 312 -14.77 1.19 6.98
C TYR A 312 -15.31 0.11 5.99
N PRO A 313 -15.27 0.36 4.70
CA PRO A 313 -15.96 -0.54 3.75
C PRO A 313 -15.21 -1.83 3.39
N TYR A 314 -13.93 -1.90 3.71
CA TYR A 314 -13.10 -3.03 3.38
C TYR A 314 -12.90 -3.94 4.64
N SER A 315 -13.69 -3.73 5.70
CA SER A 315 -13.57 -4.39 7.02
C SER A 315 -13.48 -5.94 7.06
N GLN B 1 9.42 -5.79 -7.45
CA GLN B 1 10.04 -6.94 -6.73
C GLN B 1 9.81 -6.75 -5.23
N CYS B 2 8.54 -6.68 -4.89
CA CYS B 2 8.10 -6.50 -3.49
C CYS B 2 7.04 -7.50 -3.14
N VAL B 3 6.86 -7.74 -1.86
CA VAL B 3 5.84 -8.60 -1.37
C VAL B 3 4.86 -7.77 -0.53
N LYS B 4 3.60 -8.11 -0.65
CA LYS B 4 2.56 -7.46 0.12
C LYS B 4 2.51 -8.01 1.54
N LEU B 5 2.70 -7.14 2.53
CA LEU B 5 2.60 -7.56 3.91
C LEU B 5 1.14 -7.61 4.41
N ASN B 6 0.92 -8.25 5.56
CA ASN B 6 -0.46 -8.46 6.08
C ASN B 6 -1.11 -7.21 6.61
N ASP B 7 -0.39 -6.07 6.67
CA ASP B 7 -0.97 -4.77 7.00
C ASP B 7 -1.16 -3.89 5.74
N GLY B 8 -1.01 -4.44 4.53
CA GLY B 8 -1.17 -3.66 3.30
C GLY B 8 0.09 -2.95 2.78
N HIS B 9 1.15 -2.91 3.57
CA HIS B 9 2.41 -2.32 3.09
C HIS B 9 3.18 -3.26 2.19
N PHE B 10 4.13 -2.74 1.43
CA PHE B 10 4.95 -3.50 0.50
C PHE B 10 6.44 -3.48 0.93
N MET B 11 7.07 -4.66 0.88
CA MET B 11 8.47 -4.89 1.27
C MET B 11 9.28 -5.44 0.08
N PRO B 12 10.37 -4.78 -0.27
CA PRO B 12 11.21 -5.33 -1.32
C PRO B 12 11.80 -6.69 -0.90
N VAL B 13 11.80 -7.65 -1.82
CA VAL B 13 12.17 -8.99 -1.47
C VAL B 13 13.67 -9.23 -1.25
N LEU B 14 14.50 -8.31 -1.68
CA LEU B 14 15.94 -8.40 -1.51
C LEU B 14 16.31 -7.26 -0.62
N GLY B 15 16.95 -7.57 0.49
CA GLY B 15 17.35 -6.54 1.43
C GLY B 15 18.88 -6.55 1.64
N PHE B 16 19.41 -5.37 2.01
CA PHE B 16 20.83 -5.16 2.31
C PHE B 16 21.12 -5.29 3.79
N GLY B 17 22.02 -6.23 4.15
CA GLY B 17 22.39 -6.43 5.52
C GLY B 17 23.52 -5.52 5.92
N THR B 18 23.33 -4.77 7.01
CA THR B 18 24.33 -3.73 7.38
C THR B 18 25.27 -4.08 8.51
N TYR B 19 25.06 -5.21 9.19
CA TYR B 19 25.84 -5.54 10.39
C TYR B 19 27.25 -5.93 9.97
N ALA B 20 28.21 -5.30 10.62
CA ALA B 20 29.59 -5.71 10.57
C ALA B 20 30.17 -5.71 11.98
N PRO B 21 31.11 -6.63 12.23
CA PRO B 21 31.72 -6.71 13.55
C PRO B 21 32.40 -5.43 13.97
N PRO B 22 32.60 -5.27 15.29
CA PRO B 22 33.08 -3.98 15.82
C PRO B 22 34.48 -3.60 15.32
N GLU B 23 35.26 -4.55 14.82
CA GLU B 23 36.56 -4.21 14.26
C GLU B 23 36.42 -3.38 13.02
N VAL B 24 35.22 -3.34 12.45
CA VAL B 24 35.03 -2.62 11.21
C VAL B 24 34.60 -1.22 11.55
N PRO B 25 35.38 -0.23 11.10
CA PRO B 25 35.04 1.16 11.44
C PRO B 25 33.67 1.51 10.90
N ARG B 26 32.98 2.38 11.59
CA ARG B 26 31.63 2.75 11.22
C ARG B 26 31.58 3.55 9.88
N SER B 27 32.65 4.25 9.54
CA SER B 27 32.75 4.96 8.27
C SER B 27 32.47 4.01 7.09
N LYS B 28 32.86 2.76 7.19
CA LYS B 28 32.57 1.77 6.17
C LYS B 28 31.08 1.56 5.99
N ALA B 29 30.29 1.55 7.07
CA ALA B 29 28.84 1.39 6.95
C ALA B 29 28.25 2.50 6.07
N LEU B 30 28.80 3.69 6.24
CA LEU B 30 28.33 4.82 5.50
C LEU B 30 28.64 4.60 4.03
N GLU B 31 29.86 4.17 3.72
CA GLU B 31 30.30 4.01 2.36
C GLU B 31 29.55 2.90 1.72
N VAL B 32 29.49 1.74 2.37
CA VAL B 32 28.92 0.56 1.73
C VAL B 32 27.41 0.68 1.58
N THR B 33 26.74 1.38 2.47
CA THR B 33 25.31 1.58 2.30
C THR B 33 25.04 2.47 1.07
N LYS B 34 25.90 3.45 0.83
CA LYS B 34 25.76 4.30 -0.38
C LYS B 34 25.96 3.43 -1.59
N LEU B 35 26.96 2.55 -1.53
CA LEU B 35 27.20 1.60 -2.63
C LEU B 35 26.04 0.68 -2.90
N ALA B 36 25.38 0.24 -1.84
CA ALA B 36 24.27 -0.64 -1.96
C ALA B 36 23.11 0.05 -2.64
N ILE B 37 22.86 1.28 -2.24
CA ILE B 37 21.73 2.04 -2.85
C ILE B 37 22.03 2.29 -4.33
N GLU B 38 23.28 2.66 -4.57
CA GLU B 38 23.72 2.94 -5.94
C GLU B 38 23.52 1.71 -6.81
N ALA B 39 23.75 0.51 -6.28
CA ALA B 39 23.63 -0.74 -6.99
C ALA B 39 22.19 -1.16 -7.26
N GLY B 40 21.23 -0.62 -6.52
CA GLY B 40 19.84 -0.98 -6.68
C GLY B 40 19.17 -1.49 -5.39
N PHE B 41 19.89 -1.70 -4.29
CA PHE B 41 19.23 -2.12 -3.07
C PHE B 41 18.32 -0.98 -2.62
N ARG B 42 17.12 -1.34 -2.18
CA ARG B 42 16.15 -0.36 -1.67
C ARG B 42 15.71 -0.71 -0.21
N HIS B 43 15.86 -1.99 0.18
CA HIS B 43 15.49 -2.53 1.48
C HIS B 43 16.82 -2.61 2.22
N ILE B 44 16.87 -1.98 3.38
CA ILE B 44 18.08 -1.81 4.20
C ILE B 44 17.75 -2.21 5.63
N ASP B 45 18.52 -3.15 6.19
CA ASP B 45 18.29 -3.78 7.47
C ASP B 45 19.38 -3.36 8.49
N SER B 46 18.94 -2.65 9.52
CA SER B 46 19.82 -2.23 10.59
C SER B 46 19.12 -2.56 11.94
N ALA B 47 19.69 -2.08 13.06
CA ALA B 47 19.17 -2.36 14.37
C ALA B 47 19.91 -1.46 15.33
N HIS B 48 19.32 -1.26 16.50
CA HIS B 48 20.04 -0.60 17.57
C HIS B 48 21.34 -1.30 17.89
N LEU B 49 21.27 -2.63 18.03
CA LEU B 49 22.42 -3.40 18.39
C LEU B 49 23.67 -3.09 17.51
N TYR B 50 23.47 -2.77 16.22
CA TYR B 50 24.56 -2.74 15.23
C TYR B 50 25.50 -1.55 15.38
N ASN B 51 25.07 -0.56 16.16
CA ASN B 51 25.87 0.63 16.34
C ASN B 51 26.21 1.29 14.99
N ASN B 52 25.23 1.30 14.08
CA ASN B 52 25.48 1.88 12.79
C ASN B 52 24.36 2.73 12.26
N GLU B 53 23.29 2.91 13.03
CA GLU B 53 22.10 3.61 12.54
C GLU B 53 22.39 5.04 12.07
N GLU B 54 23.31 5.71 12.73
CA GLU B 54 23.65 7.02 12.26
C GLU B 54 24.29 6.96 10.88
N GLN B 55 25.25 6.05 10.70
CA GLN B 55 25.97 5.96 9.43
C GLN B 55 25.05 5.47 8.32
N VAL B 56 24.19 4.52 8.65
CA VAL B 56 23.27 3.95 7.67
C VAL B 56 22.25 5.02 7.27
N GLY B 57 21.78 5.76 8.25
CA GLY B 57 20.82 6.84 7.99
C GLY B 57 21.40 7.99 7.17
N LEU B 58 22.63 8.37 7.48
CA LEU B 58 23.39 9.38 6.76
C LEU B 58 23.60 8.94 5.31
N ALA B 59 23.89 7.66 5.07
CA ALA B 59 23.93 7.11 3.70
C ALA B 59 22.62 7.31 2.97
N ILE B 60 21.51 6.91 3.60
CA ILE B 60 20.17 7.04 3.04
C ILE B 60 19.82 8.52 2.76
N ARG B 61 20.03 9.37 3.76
CA ARG B 61 19.81 10.82 3.63
C ARG B 61 20.63 11.42 2.51
N SER B 62 21.87 10.98 2.38
CA SER B 62 22.74 11.43 1.35
C SER B 62 22.25 11.10 -0.09
N LYS B 63 21.71 9.90 -0.28
CA LYS B 63 21.26 9.49 -1.60
C LYS B 63 19.91 10.12 -1.91
N ILE B 64 19.16 10.47 -0.86
CA ILE B 64 17.89 11.21 -1.03
C ILE B 64 18.25 12.66 -1.41
N ALA B 65 19.20 13.25 -0.70
CA ALA B 65 19.54 14.65 -0.93
C ALA B 65 20.17 14.88 -2.29
N ASP B 66 20.98 13.95 -2.77
CA ASP B 66 21.61 14.10 -4.09
C ASP B 66 20.65 13.68 -5.22
N GLY B 67 19.43 13.28 -4.87
CA GLY B 67 18.39 12.99 -5.87
C GLY B 67 18.45 11.62 -6.52
N SER B 68 19.34 10.71 -6.11
CA SER B 68 19.29 9.30 -6.61
C SER B 68 17.99 8.62 -6.23
N VAL B 69 17.52 8.80 -4.99
CA VAL B 69 16.31 8.15 -4.53
C VAL B 69 15.50 9.11 -3.77
N LYS B 70 14.24 8.75 -3.61
CA LYS B 70 13.36 9.45 -2.68
C LYS B 70 13.25 8.64 -1.39
N ARG B 71 12.87 9.30 -0.28
CA ARG B 71 12.66 8.56 0.96
C ARG B 71 11.64 7.41 0.80
N GLU B 72 10.62 7.62 0.02
CA GLU B 72 9.63 6.59 -0.19
C GLU B 72 10.14 5.38 -0.99
N ASP B 73 11.23 5.56 -1.71
CA ASP B 73 11.86 4.47 -2.42
C ASP B 73 12.64 3.52 -1.49
N ILE B 74 12.93 3.97 -0.27
CA ILE B 74 13.77 3.23 0.65
C ILE B 74 12.90 2.58 1.70
N PHE B 75 13.18 1.28 1.95
CA PHE B 75 12.47 0.48 2.96
C PHE B 75 13.47 0.19 4.07
N TYR B 76 13.33 0.91 5.19
CA TYR B 76 14.35 0.90 6.23
C TYR B 76 13.78 0.18 7.46
N THR B 77 14.54 -0.82 7.91
CA THR B 77 14.22 -1.63 9.04
C THR B 77 15.17 -1.30 10.18
N SER B 78 14.56 -1.10 11.35
CA SER B 78 15.33 -1.13 12.57
C SER B 78 14.77 -2.16 13.54
N LYS B 79 15.47 -2.36 14.66
CA LYS B 79 15.06 -3.36 15.64
C LYS B 79 15.21 -2.84 17.07
N LEU B 80 14.26 -3.28 17.90
CA LEU B 80 14.19 -3.03 19.30
C LEU B 80 15.06 -4.00 20.06
N TRP B 81 16.06 -3.49 20.77
CA TRP B 81 17.02 -4.40 21.39
C TRP B 81 16.41 -4.97 22.68
N SER B 82 16.97 -6.08 23.16
CA SER B 82 16.33 -6.90 24.19
C SER B 82 16.34 -6.24 25.59
N THR B 83 17.19 -5.22 25.79
CA THR B 83 17.16 -4.46 27.03
C THR B 83 16.01 -3.46 27.08
N PHE B 84 15.16 -3.42 26.05
CA PHE B 84 14.09 -2.44 25.95
C PHE B 84 12.71 -3.07 25.75
N HIS B 85 12.58 -4.33 26.09
CA HIS B 85 11.26 -5.02 26.00
C HIS B 85 10.15 -4.54 26.94
N ARG B 86 10.53 -3.94 28.07
CA ARG B 86 9.53 -3.48 29.00
C ARG B 86 8.74 -2.36 28.26
N PRO B 87 7.40 -2.36 28.35
CA PRO B 87 6.57 -1.62 27.36
C PRO B 87 6.79 -0.14 27.38
N GLU B 88 7.10 0.41 28.55
CA GLU B 88 7.33 1.84 28.68
C GLU B 88 8.65 2.22 28.03
N LEU B 89 9.50 1.23 27.74
CA LEU B 89 10.79 1.51 27.14
C LEU B 89 10.78 1.42 25.61
N VAL B 90 9.69 0.91 25.04
CA VAL B 90 9.64 0.59 23.60
C VAL B 90 9.65 1.84 22.69
N ARG B 91 8.68 2.72 22.87
CA ARG B 91 8.58 3.91 22.08
C ARG B 91 9.86 4.79 22.19
N PRO B 92 10.41 5.02 23.40
CA PRO B 92 11.66 5.81 23.40
C PRO B 92 12.84 5.14 22.67
N ALA B 93 12.92 3.81 22.70
CA ALA B 93 13.98 3.14 21.94
C ALA B 93 13.77 3.36 20.39
N LEU B 94 12.52 3.35 19.96
CA LEU B 94 12.24 3.59 18.55
C LEU B 94 12.61 5.01 18.25
N GLU B 95 12.13 5.92 19.10
CA GLU B 95 12.43 7.35 18.94
C GLU B 95 13.92 7.62 18.90
N ASN B 96 14.68 6.94 19.75
CA ASN B 96 16.13 7.08 19.69
C ASN B 96 16.74 6.61 18.37
N SER B 97 16.26 5.48 17.87
CA SER B 97 16.67 4.97 16.56
C SER B 97 16.35 5.97 15.43
N LEU B 98 15.13 6.50 15.44
CA LEU B 98 14.68 7.48 14.42
C LEU B 98 15.57 8.69 14.41
N LYS B 99 15.94 9.17 15.60
CA LYS B 99 16.83 10.32 15.70
C LYS B 99 18.25 10.05 15.28
N LYS B 100 18.78 8.90 15.62
CA LYS B 100 20.09 8.52 15.10
C LYS B 100 20.18 8.50 13.57
N ALA B 101 19.22 7.83 12.92
CA ALA B 101 19.14 7.71 11.49
C ALA B 101 18.61 9.01 10.82
N GLN B 102 18.04 9.88 11.63
CA GLN B 102 17.39 11.09 11.20
C GLN B 102 16.32 10.84 10.17
N LEU B 103 15.44 9.95 10.56
CA LEU B 103 14.30 9.61 9.77
C LEU B 103 13.04 9.93 10.52
N ASP B 104 11.95 10.14 9.80
CA ASP B 104 10.65 10.43 10.42
C ASP B 104 9.95 9.17 10.86
N TYR B 105 10.18 8.09 10.13
CA TYR B 105 9.55 6.83 10.44
C TYR B 105 10.50 5.74 9.98
N VAL B 106 10.34 4.53 10.49
CA VAL B 106 10.97 3.37 9.95
C VAL B 106 9.90 2.64 9.16
N ASP B 107 10.31 2.02 8.06
CA ASP B 107 9.35 1.19 7.33
C ASP B 107 8.98 -0.07 8.10
N LEU B 108 9.94 -0.55 8.89
CA LEU B 108 9.72 -1.77 9.72
C LEU B 108 10.46 -1.71 11.04
N TYR B 109 9.73 -1.98 12.13
CA TYR B 109 10.33 -2.12 13.47
C TYR B 109 10.14 -3.55 13.97
N LEU B 110 11.24 -4.20 14.36
CA LEU B 110 11.18 -5.57 14.80
C LEU B 110 11.51 -5.71 16.27
N ILE B 111 10.84 -6.62 16.96
CA ILE B 111 11.42 -7.13 18.21
C ILE B 111 12.59 -8.02 17.81
N HIS B 112 13.80 -7.64 18.22
CA HIS B 112 15.03 -8.27 17.71
C HIS B 112 15.13 -9.74 18.12
N SER B 113 14.71 -10.05 19.34
CA SER B 113 14.89 -11.35 19.97
C SER B 113 13.86 -11.51 21.08
N PRO B 114 13.36 -12.73 21.28
CA PRO B 114 12.42 -12.92 22.40
C PRO B 114 13.14 -13.03 23.75
N MET B 115 14.47 -13.03 23.73
CA MET B 115 15.26 -13.19 24.95
C MET B 115 15.52 -11.88 25.67
N SER B 116 14.56 -11.46 26.51
CA SER B 116 14.65 -10.20 27.21
C SER B 116 15.88 -10.16 28.11
N LEU B 117 16.45 -8.96 28.20
CA LEU B 117 17.63 -8.69 29.01
C LEU B 117 17.35 -7.53 29.95
N LYS B 118 18.04 -7.56 31.10
CA LYS B 118 17.72 -6.60 32.16
C LYS B 118 18.03 -5.20 31.66
N PRO B 119 17.10 -4.25 31.84
CA PRO B 119 17.30 -2.89 31.29
C PRO B 119 18.56 -2.17 31.76
N VAL B 132 25.77 -11.73 31.28
CA VAL B 132 24.49 -11.32 30.73
C VAL B 132 23.35 -11.53 31.72
N ILE B 133 22.58 -10.49 32.03
CA ILE B 133 21.46 -10.64 32.97
C ILE B 133 20.12 -10.76 32.27
N PHE B 134 19.42 -11.88 32.43
CA PHE B 134 18.15 -12.02 31.80
C PHE B 134 17.10 -11.16 32.48
N ASP B 135 16.02 -10.89 31.78
CA ASP B 135 14.87 -10.27 32.38
C ASP B 135 13.66 -11.10 31.95
N ILE B 136 12.56 -10.91 32.65
CA ILE B 136 11.33 -11.62 32.31
C ILE B 136 10.27 -10.57 31.97
N VAL B 137 9.85 -10.57 30.72
CA VAL B 137 8.83 -9.63 30.23
C VAL B 137 7.79 -10.38 29.45
N ASP B 138 6.52 -10.03 29.66
CA ASP B 138 5.44 -10.58 28.86
C ASP B 138 5.53 -9.90 27.52
N LEU B 139 5.95 -10.67 26.50
CA LEU B 139 6.19 -10.08 25.18
C LEU B 139 4.91 -9.56 24.53
N CYS B 140 3.75 -10.00 25.01
CA CYS B 140 2.49 -9.43 24.55
C CYS B 140 2.36 -7.96 24.91
N THR B 141 2.92 -7.54 26.02
CA THR B 141 2.85 -6.15 26.39
C THR B 141 3.88 -5.40 25.58
N THR B 142 5.04 -6.01 25.34
CA THR B 142 5.97 -5.41 24.40
C THR B 142 5.28 -5.18 23.05
N TRP B 143 4.56 -6.16 22.57
CA TRP B 143 3.86 -6.06 21.29
C TRP B 143 2.79 -4.98 21.24
N GLU B 144 2.05 -4.83 22.32
CA GLU B 144 1.09 -3.73 22.41
C GLU B 144 1.78 -2.35 22.27
N ALA B 145 2.94 -2.22 22.87
CA ALA B 145 3.67 -0.96 22.79
C ALA B 145 4.16 -0.76 21.32
N MET B 146 4.44 -1.86 20.64
CA MET B 146 4.79 -1.83 19.19
C MET B 146 3.61 -1.39 18.36
N GLU B 147 2.41 -1.90 18.66
CA GLU B 147 1.20 -1.46 17.98
C GLU B 147 0.97 0.02 18.12
N LYS B 148 1.17 0.56 19.33
CA LYS B 148 1.03 1.99 19.55
C LYS B 148 2.07 2.82 18.77
N CYS B 149 3.27 2.28 18.62
CA CYS B 149 4.26 2.90 17.73
C CYS B 149 3.77 2.95 16.26
N LYS B 150 3.17 1.87 15.77
CA LYS B 150 2.64 1.84 14.41
C LYS B 150 1.48 2.86 14.29
N ASP B 151 0.58 2.93 15.29
CA ASP B 151 -0.56 3.86 15.25
C ASP B 151 -0.11 5.34 15.39
N ALA B 152 1.03 5.55 16.05
CA ALA B 152 1.62 6.85 16.12
C ALA B 152 2.33 7.22 14.79
N GLY B 153 2.40 6.31 13.82
CA GLY B 153 3.06 6.56 12.55
C GLY B 153 4.60 6.59 12.65
N LEU B 154 5.18 6.03 13.69
CA LEU B 154 6.62 5.94 13.83
C LEU B 154 7.21 4.73 13.08
N ALA B 155 6.40 3.72 12.86
CA ALA B 155 6.77 2.54 12.15
C ALA B 155 5.64 2.21 11.19
N LYS B 156 5.95 2.06 9.92
CA LYS B 156 4.93 1.69 8.98
C LYS B 156 4.40 0.30 9.25
N SER B 157 5.31 -0.62 9.53
CA SER B 157 4.96 -1.98 9.86
C SER B 157 5.74 -2.48 11.07
N ILE B 158 5.19 -3.45 11.76
CA ILE B 158 5.86 -4.03 12.87
C ILE B 158 5.96 -5.52 12.72
N GLY B 159 7.05 -6.09 13.23
CA GLY B 159 7.17 -7.55 13.23
C GLY B 159 8.16 -8.07 14.25
N VAL B 160 8.60 -9.32 14.08
CA VAL B 160 9.48 -9.96 15.05
C VAL B 160 10.70 -10.59 14.41
N SER B 161 11.62 -11.05 15.26
CA SER B 161 12.81 -11.70 14.79
C SER B 161 13.25 -12.78 15.81
N ASN B 162 13.70 -13.91 15.30
CA ASN B 162 14.17 -15.06 16.15
C ASN B 162 13.10 -15.68 17.02
N PHE B 163 11.84 -15.50 16.65
CA PHE B 163 10.75 -16.13 17.36
C PHE B 163 10.58 -17.57 16.80
N ASN B 164 10.23 -18.48 17.67
CA ASN B 164 9.78 -19.78 17.20
C ASN B 164 8.30 -19.77 17.06
N ARG B 165 7.75 -20.86 16.56
CA ARG B 165 6.33 -21.00 16.36
C ARG B 165 5.47 -20.74 17.64
N ARG B 166 5.87 -21.34 18.76
CA ARG B 166 5.17 -21.11 20.04
C ARG B 166 5.11 -19.59 20.37
N GLN B 167 6.22 -18.91 20.22
CA GLN B 167 6.32 -17.48 20.53
C GLN B 167 5.49 -16.63 19.57
N LEU B 168 5.41 -17.06 18.32
CA LEU B 168 4.55 -16.40 17.37
C LEU B 168 3.05 -16.60 17.77
N GLU B 169 2.68 -17.81 18.13
CA GLU B 169 1.30 -18.12 18.53
C GLU B 169 0.90 -17.27 19.73
N MET B 170 1.81 -17.08 20.67
CA MET B 170 1.55 -16.20 21.80
C MET B 170 1.05 -14.78 21.38
N ILE B 171 1.71 -14.21 20.36
CA ILE B 171 1.28 -12.89 19.84
C ILE B 171 -0.01 -13.04 19.09
N LEU B 172 -0.06 -14.03 18.20
CA LEU B 172 -1.24 -14.26 17.36
C LEU B 172 -2.53 -14.49 18.18
N ASN B 173 -2.42 -15.15 19.32
CA ASN B 173 -3.55 -15.45 20.18
C ASN B 173 -3.76 -14.43 21.26
N LYS B 174 -2.99 -13.34 21.30
CA LYS B 174 -3.15 -12.32 22.32
C LYS B 174 -4.55 -11.75 22.27
N PRO B 175 -5.27 -11.72 23.41
CA PRO B 175 -6.55 -11.01 23.47
C PRO B 175 -6.41 -9.53 23.07
N GLY B 176 -7.29 -9.05 22.20
CA GLY B 176 -7.27 -7.66 21.81
C GLY B 176 -6.19 -7.33 20.77
N LEU B 177 -5.57 -8.35 20.17
CA LEU B 177 -4.55 -8.12 19.11
C LEU B 177 -5.03 -7.14 18.08
N LYS B 178 -4.22 -6.13 17.78
CA LYS B 178 -4.60 -5.18 16.70
C LYS B 178 -3.86 -5.49 15.40
N TYR B 179 -2.56 -5.76 15.51
CA TYR B 179 -1.76 -6.03 14.29
C TYR B 179 -0.94 -7.26 14.43
N LYS B 180 -1.09 -8.19 13.49
CA LYS B 180 -0.20 -9.34 13.43
C LYS B 180 1.20 -8.85 13.13
N PRO B 181 2.21 -9.54 13.61
CA PRO B 181 3.53 -9.33 13.01
C PRO B 181 3.53 -9.53 11.48
N VAL B 182 4.13 -8.61 10.76
CA VAL B 182 4.25 -8.76 9.31
C VAL B 182 5.27 -9.81 8.89
N CYS B 183 6.24 -10.05 9.75
CA CYS B 183 7.35 -10.94 9.39
C CYS B 183 7.95 -11.56 10.64
N ASN B 184 8.73 -12.60 10.42
CA ASN B 184 9.64 -13.17 11.41
C ASN B 184 11.02 -13.35 10.71
N GLN B 185 11.96 -12.49 11.10
CA GLN B 185 13.32 -12.48 10.53
C GLN B 185 14.14 -13.50 11.32
N VAL B 186 14.54 -14.58 10.63
CA VAL B 186 15.21 -15.73 11.25
C VAL B 186 16.40 -16.21 10.42
N GLU B 187 17.30 -16.94 11.04
CA GLU B 187 18.43 -17.53 10.30
C GLU B 187 17.84 -18.52 9.31
N CYS B 188 18.26 -18.43 8.06
CA CYS B 188 17.65 -19.29 7.04
C CYS B 188 18.54 -19.34 5.80
N HIS B 189 18.91 -20.56 5.41
CA HIS B 189 19.88 -20.80 4.35
C HIS B 189 19.81 -22.29 4.00
N PRO B 190 20.46 -22.70 2.92
CA PRO B 190 20.25 -24.11 2.54
C PRO B 190 20.72 -25.18 3.58
N TYR B 191 21.57 -24.81 4.55
CA TYR B 191 21.92 -25.74 5.60
C TYR B 191 20.94 -25.75 6.78
N PHE B 192 19.96 -24.87 6.73
CA PHE B 192 19.01 -24.67 7.81
C PHE B 192 17.84 -23.88 7.19
N ASN B 193 17.09 -24.58 6.36
CA ASN B 193 16.16 -23.92 5.47
C ASN B 193 14.85 -23.57 6.12
N ARG B 194 14.63 -24.03 7.35
CA ARG B 194 13.44 -23.66 8.12
C ARG B 194 12.12 -23.97 7.45
N SER B 195 12.02 -25.06 6.70
CA SER B 195 10.82 -25.32 5.91
C SER B 195 9.57 -25.40 6.78
N LYS B 196 9.68 -26.02 7.95
CA LYS B 196 8.51 -26.17 8.83
C LYS B 196 8.03 -24.80 9.37
N LEU B 197 8.98 -23.99 9.85
CA LEU B 197 8.65 -22.61 10.32
C LEU B 197 8.08 -21.74 9.20
N LEU B 198 8.66 -21.88 8.01
CA LEU B 198 8.16 -21.20 6.80
C LEU B 198 6.74 -21.59 6.47
N ASP B 199 6.46 -22.90 6.40
CA ASP B 199 5.05 -23.31 6.21
C ASP B 199 4.16 -22.71 7.31
N PHE B 200 4.59 -22.72 8.56
CA PHE B 200 3.74 -22.09 9.59
C PHE B 200 3.53 -20.60 9.29
N CYS B 201 4.62 -19.90 8.98
CA CYS B 201 4.51 -18.44 8.73
C CYS B 201 3.60 -18.12 7.57
N LYS B 202 3.75 -18.92 6.50
CA LYS B 202 2.88 -18.78 5.37
C LYS B 202 1.45 -19.00 5.79
N SER B 203 1.17 -20.04 6.58
CA SER B 203 -0.23 -20.31 6.96
C SER B 203 -0.85 -19.16 7.69
N LYS B 204 -0.03 -18.33 8.34
CA LYS B 204 -0.55 -17.15 9.04
C LYS B 204 -0.33 -15.82 8.33
N ASP B 205 0.10 -15.83 7.06
CA ASP B 205 0.32 -14.63 6.30
C ASP B 205 1.45 -13.78 6.95
N ILE B 206 2.47 -14.46 7.50
CA ILE B 206 3.65 -13.79 8.07
C ILE B 206 4.82 -14.12 7.16
N VAL B 207 5.55 -13.10 6.71
CA VAL B 207 6.65 -13.27 5.75
C VAL B 207 7.86 -13.73 6.54
N LEU B 208 8.52 -14.79 6.09
CA LEU B 208 9.81 -15.14 6.66
C LEU B 208 10.91 -14.34 5.98
N VAL B 209 11.73 -13.65 6.77
CA VAL B 209 12.85 -12.88 6.22
C VAL B 209 14.14 -13.62 6.66
N ALA B 210 14.98 -13.98 5.72
CA ALA B 210 16.15 -14.81 5.98
C ALA B 210 17.41 -13.99 6.25
N TYR B 211 18.07 -14.25 7.37
CA TYR B 211 19.38 -13.77 7.58
C TYR B 211 20.42 -14.90 7.56
N SER B 212 21.69 -14.54 7.44
CA SER B 212 22.77 -15.53 7.20
C SER B 212 22.44 -16.42 5.99
N ALA B 213 21.70 -15.84 5.05
CA ALA B 213 21.35 -16.52 3.82
C ALA B 213 22.55 -16.92 2.97
N LEU B 214 23.65 -16.23 3.18
CA LEU B 214 24.90 -16.61 2.49
C LEU B 214 25.84 -17.40 3.38
N GLY B 215 25.34 -17.87 4.51
CA GLY B 215 26.16 -18.73 5.38
C GLY B 215 26.85 -18.01 6.50
N SER B 216 26.42 -16.77 6.75
CA SER B 216 26.84 -15.95 7.88
C SER B 216 28.25 -15.40 7.69
N GLN B 217 28.64 -14.45 8.52
CA GLN B 217 29.95 -13.90 8.46
C GLN B 217 30.98 -14.79 9.20
N ARG B 218 30.52 -15.88 9.80
CA ARG B 218 31.40 -16.82 10.49
C ARG B 218 32.22 -16.10 11.54
N ASP B 219 31.54 -15.24 12.31
CA ASP B 219 32.20 -14.50 13.39
C ASP B 219 32.77 -15.49 14.41
N LYS B 220 34.05 -15.35 14.72
CA LYS B 220 34.74 -16.20 15.70
C LYS B 220 34.03 -16.28 17.05
N ARG B 221 33.28 -15.26 17.44
CA ARG B 221 32.53 -15.30 18.67
C ARG B 221 31.37 -16.30 18.66
N TRP B 222 30.77 -16.58 17.50
CA TRP B 222 29.50 -17.28 17.46
C TRP B 222 29.43 -18.52 16.59
N VAL B 223 30.40 -18.72 15.70
CA VAL B 223 30.30 -19.83 14.77
C VAL B 223 31.21 -20.98 15.22
N ASP B 224 30.76 -22.21 15.06
CA ASP B 224 31.66 -23.37 15.12
C ASP B 224 32.70 -23.25 13.98
N PRO B 225 34.02 -23.21 14.31
CA PRO B 225 35.07 -22.93 13.30
C PRO B 225 35.20 -23.97 12.20
N ASN B 226 34.76 -25.21 12.45
CA ASN B 226 34.77 -26.27 11.45
C ASN B 226 33.40 -26.54 10.88
N SER B 227 32.42 -25.67 11.13
CA SER B 227 31.16 -25.82 10.47
C SER B 227 31.40 -25.58 8.97
N PRO B 228 30.69 -26.34 8.13
CA PRO B 228 30.87 -26.25 6.69
C PRO B 228 30.58 -24.83 6.17
N VAL B 229 31.30 -24.43 5.16
CA VAL B 229 31.21 -23.10 4.57
C VAL B 229 30.15 -23.25 3.53
N LEU B 230 29.01 -22.62 3.75
CA LEU B 230 27.86 -22.77 2.83
C LEU B 230 28.23 -22.58 1.36
N LEU B 231 28.91 -21.45 1.07
CA LEU B 231 29.13 -21.12 -0.34
C LEU B 231 30.04 -22.09 -1.05
N GLU B 232 30.70 -22.98 -0.32
CA GLU B 232 31.56 -24.03 -0.93
C GLU B 232 30.80 -25.31 -1.23
N ASP B 233 29.51 -25.32 -0.97
CA ASP B 233 28.76 -26.53 -1.19
C ASP B 233 28.83 -26.99 -2.66
N PRO B 234 29.17 -28.26 -2.88
CA PRO B 234 29.20 -28.77 -4.26
C PRO B 234 27.90 -28.60 -5.06
N VAL B 235 26.75 -28.70 -4.42
CA VAL B 235 25.48 -28.56 -5.16
C VAL B 235 25.24 -27.10 -5.53
N LEU B 236 25.56 -26.19 -4.62
CA LEU B 236 25.53 -24.77 -4.89
C LEU B 236 26.49 -24.42 -6.03
N CYS B 237 27.70 -24.96 -5.99
CA CYS B 237 28.68 -24.70 -7.05
C CYS B 237 28.24 -25.27 -8.42
N ALA B 238 27.63 -26.47 -8.43
CA ALA B 238 27.19 -27.06 -9.71
C ALA B 238 26.06 -26.24 -10.33
N LEU B 239 25.10 -25.80 -9.52
CA LEU B 239 24.06 -24.91 -10.02
C LEU B 239 24.57 -23.51 -10.49
N ALA B 240 25.61 -22.99 -9.83
CA ALA B 240 26.22 -21.74 -10.25
C ALA B 240 26.83 -21.89 -11.67
N LYS B 241 27.51 -23.00 -11.91
CA LYS B 241 28.03 -23.31 -13.27
C LYS B 241 26.89 -23.42 -14.26
N LYS B 242 25.91 -24.24 -13.94
CA LYS B 242 24.80 -24.50 -14.82
C LYS B 242 24.18 -23.18 -15.25
N HIS B 243 23.95 -22.29 -14.27
CA HIS B 243 23.28 -21.02 -14.60
C HIS B 243 24.24 -19.88 -14.96
N LYS B 244 25.53 -20.15 -14.93
CA LYS B 244 26.54 -19.10 -15.15
C LYS B 244 26.38 -17.99 -14.14
N ARG B 245 26.16 -18.37 -12.89
CA ARG B 245 26.06 -17.41 -11.81
C ARG B 245 27.09 -17.74 -10.78
N THR B 246 26.79 -17.50 -9.51
CA THR B 246 27.73 -17.77 -8.45
C THR B 246 26.93 -18.49 -7.34
N PRO B 247 27.62 -19.16 -6.42
CA PRO B 247 26.95 -19.85 -5.33
C PRO B 247 26.11 -18.88 -4.48
N ALA B 248 26.63 -17.69 -4.16
CA ALA B 248 25.85 -16.66 -3.46
C ALA B 248 24.54 -16.37 -4.18
N LEU B 249 24.61 -16.17 -5.46
CA LEU B 249 23.40 -15.88 -6.25
C LEU B 249 22.39 -17.02 -6.20
N ILE B 250 22.88 -18.26 -6.27
CA ILE B 250 22.05 -19.45 -6.18
C ILE B 250 21.36 -19.44 -4.80
N ALA B 251 22.13 -19.18 -3.77
CA ALA B 251 21.54 -19.18 -2.43
C ALA B 251 20.45 -18.13 -2.27
N LEU B 252 20.70 -16.92 -2.81
CA LEU B 252 19.74 -15.83 -2.71
C LEU B 252 18.51 -16.19 -3.54
N ARG B 253 18.73 -16.72 -4.71
CA ARG B 253 17.63 -17.02 -5.58
C ARG B 253 16.69 -18.05 -4.99
N TYR B 254 17.30 -19.04 -4.34
CA TYR B 254 16.59 -20.11 -3.68
C TYR B 254 15.54 -19.58 -2.73
N GLN B 255 15.94 -18.56 -1.98
CA GLN B 255 15.03 -17.99 -0.98
C GLN B 255 13.89 -17.30 -1.68
N LEU B 256 14.19 -16.48 -2.69
CA LEU B 256 13.15 -15.74 -3.43
C LEU B 256 12.10 -16.66 -4.09
N GLN B 257 12.50 -17.82 -4.58
CA GLN B 257 11.50 -18.69 -5.23
C GLN B 257 10.71 -19.54 -4.22
N ARG B 258 11.08 -19.52 -2.94
CA ARG B 258 10.24 -20.22 -1.91
C ARG B 258 9.40 -19.24 -1.10
N GLY B 259 9.27 -18.02 -1.58
CA GLY B 259 8.45 -17.02 -0.96
C GLY B 259 9.18 -16.24 0.14
N VAL B 260 10.46 -16.47 0.35
CA VAL B 260 11.21 -15.87 1.47
C VAL B 260 11.79 -14.54 1.00
N VAL B 261 11.75 -13.55 1.87
CA VAL B 261 12.43 -12.31 1.63
C VAL B 261 13.85 -12.52 2.12
N VAL B 262 14.85 -12.16 1.32
CA VAL B 262 16.23 -12.47 1.67
C VAL B 262 17.11 -11.22 1.90
N LEU B 263 17.87 -11.27 2.97
CA LEU B 263 18.92 -10.27 3.23
C LEU B 263 20.24 -10.76 2.68
N ALA B 264 21.15 -9.82 2.41
CA ALA B 264 22.50 -10.19 2.01
C ALA B 264 23.40 -9.08 2.49
N LYS B 265 24.31 -9.37 3.39
CA LYS B 265 25.33 -8.40 3.80
C LYS B 265 26.54 -8.56 2.95
N SER B 266 27.05 -7.43 2.45
CA SER B 266 28.41 -7.32 1.85
C SER B 266 28.96 -5.95 2.07
N TYR B 267 30.22 -5.88 2.51
CA TYR B 267 30.91 -4.61 2.61
C TYR B 267 31.94 -4.51 1.45
N ASN B 268 31.76 -5.30 0.41
CA ASN B 268 32.65 -5.26 -0.78
C ASN B 268 31.86 -4.76 -1.98
N GLU B 269 32.36 -3.73 -2.64
CA GLU B 269 31.60 -3.13 -3.75
C GLU B 269 31.16 -4.10 -4.82
N GLN B 270 32.03 -5.01 -5.20
CA GLN B 270 31.69 -5.91 -6.31
C GLN B 270 30.67 -6.96 -5.94
N ARG B 271 30.74 -7.44 -4.71
CA ARG B 271 29.81 -8.43 -4.26
C ARG B 271 28.48 -7.76 -4.05
N ILE B 272 28.49 -6.54 -3.53
CA ILE B 272 27.26 -5.83 -3.41
C ILE B 272 26.52 -5.76 -4.78
N ARG B 273 27.26 -5.41 -5.83
CA ARG B 273 26.69 -5.20 -7.14
C ARG B 273 26.34 -6.53 -7.74
N GLN B 274 27.04 -7.61 -7.38
CA GLN B 274 26.69 -8.94 -7.85
C GLN B 274 25.33 -9.36 -7.34
N ASN B 275 25.05 -9.05 -6.07
CA ASN B 275 23.90 -9.62 -5.40
C ASN B 275 22.57 -9.15 -5.98
N VAL B 276 22.53 -7.92 -6.48
CA VAL B 276 21.34 -7.41 -7.09
C VAL B 276 21.01 -8.13 -8.42
N GLN B 277 21.95 -8.91 -8.97
CA GLN B 277 21.69 -9.71 -10.19
C GLN B 277 20.72 -10.87 -9.95
N VAL B 278 20.31 -11.03 -8.70
CA VAL B 278 19.47 -12.17 -8.31
C VAL B 278 18.16 -12.26 -9.09
N PHE B 279 17.72 -11.11 -9.58
CA PHE B 279 16.49 -11.03 -10.35
C PHE B 279 16.71 -11.37 -11.83
N GLU B 280 17.93 -11.71 -12.26
CA GLU B 280 18.19 -11.95 -13.67
C GLU B 280 17.90 -13.38 -14.19
N PHE B 281 17.75 -14.35 -13.30
CA PHE B 281 17.64 -15.74 -13.70
C PHE B 281 16.69 -16.45 -12.79
N GLN B 282 16.33 -17.66 -13.17
CA GLN B 282 15.52 -18.46 -12.31
C GLN B 282 15.99 -19.89 -12.25
N LEU B 283 15.85 -20.47 -11.07
CA LEU B 283 16.16 -21.86 -10.81
C LEU B 283 14.94 -22.70 -11.25
N THR B 284 15.19 -23.90 -11.74
CA THR B 284 14.10 -24.82 -12.06
C THR B 284 13.52 -25.48 -10.76
N ALA B 285 12.39 -26.16 -10.88
CA ALA B 285 11.81 -26.92 -9.78
C ALA B 285 12.79 -27.95 -9.25
N GLU B 286 13.49 -28.62 -10.15
CA GLU B 286 14.43 -29.64 -9.75
C GLU B 286 15.67 -29.04 -9.10
N ASP B 287 16.11 -27.89 -9.59
CA ASP B 287 17.19 -27.13 -8.91
C ASP B 287 16.79 -26.83 -7.46
N MET B 288 15.56 -26.43 -7.29
CA MET B 288 15.06 -26.09 -5.96
C MET B 288 15.10 -27.33 -5.05
N LYS B 289 14.62 -28.47 -5.53
CA LYS B 289 14.67 -29.70 -4.77
C LYS B 289 16.07 -30.08 -4.43
N ALA B 290 17.00 -29.99 -5.38
CA ALA B 290 18.38 -30.25 -5.04
C ALA B 290 18.85 -29.34 -3.88
N ILE B 291 18.47 -28.06 -3.86
CA ILE B 291 18.91 -27.17 -2.77
C ILE B 291 18.17 -27.54 -1.43
N ASP B 292 16.88 -27.90 -1.52
CA ASP B 292 16.14 -28.40 -0.36
C ASP B 292 16.89 -29.59 0.33
N GLY B 293 17.58 -30.40 -0.47
CA GLY B 293 18.30 -31.55 0.02
C GLY B 293 19.46 -31.22 0.91
N LEU B 294 19.91 -29.96 0.92
CA LEU B 294 21.10 -29.57 1.66
C LEU B 294 20.90 -29.36 3.17
N ASP B 295 19.64 -29.25 3.61
CA ASP B 295 19.35 -28.98 5.01
C ASP B 295 20.11 -29.92 5.95
N ARG B 296 20.85 -29.33 6.89
CA ARG B 296 21.48 -30.13 7.93
C ARG B 296 21.30 -29.59 9.34
N ASN B 297 20.23 -28.86 9.54
CA ASN B 297 19.91 -28.26 10.82
C ASN B 297 21.10 -27.51 11.45
N LEU B 298 21.87 -26.81 10.63
CA LEU B 298 23.10 -26.17 11.10
C LEU B 298 22.85 -24.68 11.42
N HIS B 299 23.09 -24.29 12.66
CA HIS B 299 22.95 -22.91 13.08
C HIS B 299 24.33 -22.27 13.12
N TYR B 300 24.54 -21.28 12.29
CA TYR B 300 25.80 -20.59 12.37
C TYR B 300 25.98 -19.74 13.67
N PHE B 301 24.89 -19.29 14.25
CA PHE B 301 24.99 -18.67 15.57
C PHE B 301 24.86 -19.70 16.69
N ASN B 302 25.93 -19.84 17.49
CA ASN B 302 25.87 -20.66 18.72
C ASN B 302 25.77 -19.75 19.91
N SER B 303 24.65 -19.86 20.62
CA SER B 303 24.46 -19.17 21.88
C SER B 303 23.87 -20.17 22.87
N ASP B 304 24.78 -20.79 23.64
CA ASP B 304 24.45 -21.75 24.66
C ASP B 304 24.87 -21.16 25.99
N SER B 305 25.35 -19.92 25.94
CA SER B 305 25.23 -19.05 27.08
C SER B 305 23.73 -18.81 27.22
N PHE B 306 23.04 -18.62 26.09
CA PHE B 306 21.61 -18.25 26.05
C PHE B 306 20.66 -19.40 26.16
N ALA B 307 21.19 -20.63 26.21
CA ALA B 307 20.31 -21.81 26.14
C ALA B 307 19.43 -21.94 27.36
N SER B 308 19.90 -21.41 28.48
CA SER B 308 19.12 -21.45 29.71
C SER B 308 18.10 -20.29 29.80
N HIS B 309 18.09 -19.36 28.86
CA HIS B 309 17.07 -18.29 28.90
C HIS B 309 15.67 -18.91 28.71
N PRO B 310 14.68 -18.55 29.56
CA PRO B 310 13.34 -19.14 29.44
C PRO B 310 12.71 -18.97 28.07
N ASN B 311 13.14 -17.97 27.32
CA ASN B 311 12.65 -17.64 25.98
C ASN B 311 13.57 -18.08 24.86
N TYR B 312 14.54 -18.92 25.19
CA TYR B 312 15.47 -19.38 24.18
C TYR B 312 14.61 -20.10 23.11
N PRO B 313 14.69 -19.67 21.83
CA PRO B 313 13.80 -20.22 20.81
C PRO B 313 14.07 -21.67 20.36
N TYR B 314 15.21 -22.23 20.74
CA TYR B 314 15.56 -23.61 20.37
C TYR B 314 15.48 -24.62 21.56
N SER B 315 14.82 -24.22 22.63
CA SER B 315 14.74 -25.04 23.87
C SER B 315 14.35 -26.51 23.66
#